data_4DDK
#
_entry.id   4DDK
#
_cell.length_a   48.190
_cell.length_b   70.710
_cell.length_c   81.690
_cell.angle_alpha   90.00
_cell.angle_beta   99.14
_cell.angle_gamma   90.00
#
_symmetry.space_group_name_H-M   'P 1 21 1'
#
loop_
_entity.id
_entity.type
_entity.pdbx_description
1 polymer 'Pantothenate synthetase'
2 non-polymer '1,3-benzodioxole-5-carboxylic acid'
3 non-polymer GLYCEROL
4 non-polymer ETHANOL
5 non-polymer 1,2-ETHANEDIOL
6 water water
#
_entity_poly.entity_id   1
_entity_poly.type   'polypeptide(L)'
_entity_poly.pdbx_seq_one_letter_code
;MAIPAFHPGELNVYSAPGDVADVSRALRLTGRRVMLVPTMGALHEGHLALVRAAKRVPGSVVVVSIFVNPMQFGAGGDLD
AYPRTPDDDLAQLRAEGVEIAFTPTTAAMYPDGLRTTVQPGPLAAELEGGPRPTHFAGVLTVVLKLLQIVRPDRVFFGEK
DYQQLVLIRQLVADFNLDVAVVGVPTVREADGLAMSSRNRYLDPAQRAAAVALSAALTAAAHAATAGAQAALDAARAVLD
AAPGVAVDYLELRDIGLGPMPLNGSGRLLVAARLGTTRLLDNIAIEIGTFAGTDRPDGYRA
;
_entity_poly.pdbx_strand_id   A,B
#
# COMPACT_ATOMS: atom_id res chain seq x y z
N ILE A 3 5.16 22.86 -15.15
CA ILE A 3 6.46 22.70 -15.89
C ILE A 3 7.20 21.38 -15.48
N PRO A 4 7.74 21.28 -14.24
CA PRO A 4 7.92 22.27 -13.16
C PRO A 4 9.35 22.81 -13.07
N ALA A 5 9.51 24.07 -12.67
CA ALA A 5 10.84 24.65 -12.46
C ALA A 5 11.41 24.20 -11.12
N PHE A 6 12.73 24.02 -11.09
CA PHE A 6 13.44 23.78 -9.84
C PHE A 6 14.63 24.70 -9.67
N HIS A 7 14.47 25.68 -8.77
CA HIS A 7 15.54 26.61 -8.43
C HIS A 7 16.37 26.00 -7.29
N PRO A 8 17.60 25.53 -7.60
CA PRO A 8 18.54 24.94 -6.62
C PRO A 8 19.03 25.95 -5.57
N GLY A 9 19.21 25.51 -4.35
CA GLY A 9 19.59 26.42 -3.27
C GLY A 9 18.48 27.34 -2.75
N GLU A 10 17.26 27.18 -3.28
CA GLU A 10 16.09 27.91 -2.76
C GLU A 10 14.94 26.95 -2.40
N LEU A 11 13.97 27.44 -1.65
CA LEU A 11 12.78 26.65 -1.34
C LEU A 11 11.79 26.69 -2.50
N ASN A 12 11.58 25.52 -3.09
CA ASN A 12 10.58 25.32 -4.15
C ASN A 12 9.37 24.66 -3.54
N VAL A 13 8.23 25.29 -3.75
CA VAL A 13 6.99 24.78 -3.18
C VAL A 13 6.13 24.22 -4.31
N TYR A 14 5.77 22.94 -4.17
CA TYR A 14 4.84 22.30 -5.11
C TYR A 14 3.59 21.77 -4.43
N SER A 15 2.45 21.98 -5.06
CA SER A 15 1.18 21.50 -4.54
C SER A 15 0.71 20.28 -5.34
N ALA A 16 1.10 20.17 -6.60
CA ALA A 16 0.64 19.06 -7.43
C ALA A 16 1.51 17.84 -7.24
N PRO A 17 0.91 16.67 -6.91
CA PRO A 17 1.64 15.41 -6.77
C PRO A 17 2.51 15.15 -7.97
N GLY A 18 1.96 15.33 -9.17
CA GLY A 18 2.73 15.17 -10.41
C GLY A 18 3.96 16.05 -10.52
N ASP A 19 3.85 17.32 -10.08
CA ASP A 19 5.00 18.23 -10.05
C ASP A 19 6.14 17.70 -9.16
N VAL A 20 5.83 17.37 -7.91
CA VAL A 20 6.89 16.90 -7.02
C VAL A 20 7.42 15.53 -7.49
N ALA A 21 6.55 14.71 -8.06
CA ALA A 21 6.96 13.39 -8.53
C ALA A 21 7.99 13.54 -9.67
N ASP A 22 7.71 14.45 -10.61
CA ASP A 22 8.60 14.71 -11.75
C ASP A 22 9.96 15.27 -11.30
N VAL A 23 9.92 16.24 -10.40
CA VAL A 23 11.12 16.90 -9.90
C VAL A 23 11.99 15.96 -9.13
N SER A 24 11.35 15.15 -8.29
CA SER A 24 12.04 14.10 -7.52
C SER A 24 12.72 13.06 -8.44
N ARG A 25 11.96 12.56 -9.42
N ARG A 25 11.98 12.52 -9.43
CA ARG A 25 12.42 11.63 -10.45
CA ARG A 25 12.56 11.59 -10.41
C ARG A 25 13.64 12.18 -11.19
C ARG A 25 13.77 12.25 -11.03
N ALA A 26 13.59 13.47 -11.51
CA ALA A 26 14.67 14.17 -12.21
C ALA A 26 15.89 14.29 -11.32
N LEU A 27 15.69 14.67 -10.04
CA LEU A 27 16.85 14.82 -9.13
C LEU A 27 17.52 13.49 -8.84
N ARG A 28 16.70 12.45 -8.68
N ARG A 28 16.68 12.46 -8.66
CA ARG A 28 17.21 11.12 -8.41
CA ARG A 28 17.13 11.10 -8.44
C ARG A 28 17.99 10.59 -9.61
C ARG A 28 18.03 10.68 -9.60
N LEU A 29 17.54 10.90 -10.82
CA LEU A 29 18.25 10.52 -12.07
C LEU A 29 19.60 11.25 -12.31
N THR A 30 19.80 12.40 -11.66
CA THR A 30 21.06 13.11 -11.74
C THR A 30 22.00 12.71 -10.61
N GLY A 31 21.56 11.78 -9.77
CA GLY A 31 22.41 11.18 -8.74
C GLY A 31 22.22 11.71 -7.30
N ARG A 32 21.35 12.70 -7.14
CA ARG A 32 21.05 13.25 -5.81
C ARG A 32 20.12 12.29 -5.07
N ARG A 33 20.32 12.18 -3.77
CA ARG A 33 19.60 11.18 -2.98
C ARG A 33 18.41 11.86 -2.30
N VAL A 34 17.23 11.30 -2.48
CA VAL A 34 16.03 12.03 -2.12
C VAL A 34 15.58 11.67 -0.68
N MET A 35 15.48 12.67 0.18
CA MET A 35 15.08 12.49 1.58
C MET A 35 13.67 13.05 1.82
N LEU A 36 12.80 12.25 2.43
CA LEU A 36 11.45 12.73 2.73
C LEU A 36 11.19 12.86 4.23
N VAL A 37 10.71 14.05 4.62
CA VAL A 37 10.25 14.32 5.99
C VAL A 37 8.73 14.66 5.99
N PRO A 38 7.87 13.66 6.23
CA PRO A 38 6.43 13.89 6.26
C PRO A 38 5.96 14.54 7.52
N THR A 39 5.28 15.66 7.34
CA THR A 39 4.75 16.41 8.46
C THR A 39 3.30 16.85 8.21
N MET A 40 2.62 17.25 9.28
CA MET A 40 1.34 17.93 9.16
C MET A 40 1.49 19.42 9.46
N GLY A 41 2.65 19.98 9.19
CA GLY A 41 2.92 21.38 9.46
C GLY A 41 2.94 21.72 10.95
N ALA A 42 2.77 23.00 11.24
CA ALA A 42 2.87 23.51 12.61
C ALA A 42 4.25 23.12 13.16
N LEU A 43 5.28 23.48 12.40
CA LEU A 43 6.58 22.92 12.65
C LEU A 43 7.14 23.54 13.91
N HIS A 44 7.82 22.71 14.69
CA HIS A 44 8.65 23.22 15.79
C HIS A 44 10.08 22.66 15.67
N GLU A 45 10.90 22.86 16.69
CA GLU A 45 12.30 22.46 16.64
C GLU A 45 12.55 20.95 16.43
N GLY A 46 11.68 20.11 16.94
CA GLY A 46 11.78 18.66 16.67
C GLY A 46 11.65 18.31 15.19
N HIS A 47 10.79 19.04 14.47
CA HIS A 47 10.72 18.89 13.01
C HIS A 47 12.03 19.30 12.38
N LEU A 48 12.61 20.39 12.88
CA LEU A 48 13.86 20.88 12.34
C LEU A 48 15.01 19.88 12.55
N ALA A 49 14.98 19.11 13.63
CA ALA A 49 15.92 17.97 13.82
C ALA A 49 15.75 16.87 12.77
N LEU A 50 14.51 16.56 12.41
CA LEU A 50 14.23 15.68 11.28
C LEU A 50 14.84 16.24 9.99
N VAL A 51 14.58 17.52 9.71
CA VAL A 51 15.14 18.14 8.53
C VAL A 51 16.69 18.07 8.56
N ARG A 52 17.30 18.50 9.68
CA ARG A 52 18.76 18.41 9.80
C ARG A 52 19.36 17.02 9.57
N ALA A 53 18.75 15.98 10.14
CA ALA A 53 19.21 14.61 9.92
C ALA A 53 19.15 14.17 8.47
N ALA A 54 18.21 14.73 7.71
CA ALA A 54 18.01 14.34 6.31
C ALA A 54 19.05 15.05 5.50
N LYS A 55 19.23 16.34 5.85
CA LYS A 55 20.21 17.21 5.25
C LYS A 55 21.63 16.64 5.32
N ARG A 56 21.95 15.97 6.43
CA ARG A 56 23.31 15.52 6.65
C ARG A 56 23.69 14.28 5.81
N VAL A 57 22.69 13.65 5.19
CA VAL A 57 22.91 12.55 4.24
C VAL A 57 23.61 13.14 3.00
N PRO A 58 24.87 12.69 2.71
CA PRO A 58 25.66 13.29 1.63
C PRO A 58 24.91 13.34 0.26
N GLY A 59 24.91 14.52 -0.34
CA GLY A 59 24.24 14.76 -1.63
C GLY A 59 22.73 14.55 -1.57
N SER A 60 22.14 14.74 -0.39
CA SER A 60 20.69 14.64 -0.29
C SER A 60 20.00 15.85 -0.88
N VAL A 61 18.76 15.63 -1.33
CA VAL A 61 17.85 16.71 -1.55
C VAL A 61 16.68 16.48 -0.59
N VAL A 62 16.30 17.51 0.15
CA VAL A 62 15.33 17.34 1.21
C VAL A 62 13.93 17.76 0.74
N VAL A 63 13.02 16.80 0.78
CA VAL A 63 11.57 17.05 0.57
C VAL A 63 10.81 17.03 1.91
N VAL A 64 10.21 18.15 2.26
CA VAL A 64 9.37 18.16 3.45
C VAL A 64 7.93 18.27 2.95
N SER A 65 7.09 17.30 3.31
CA SER A 65 5.64 17.37 3.00
C SER A 65 4.91 18.00 4.18
N ILE A 66 3.99 18.89 3.86
CA ILE A 66 3.07 19.49 4.82
C ILE A 66 1.62 19.21 4.37
N PHE A 67 0.87 18.39 5.12
CA PHE A 67 -0.48 17.95 4.72
C PHE A 67 -1.20 17.51 5.95
N VAL A 68 -2.26 18.26 6.29
CA VAL A 68 -3.06 17.88 7.44
C VAL A 68 -4.05 16.84 6.95
N ASN A 69 -3.63 15.60 7.08
CA ASN A 69 -4.29 14.51 6.41
C ASN A 69 -5.66 14.23 7.00
N PRO A 70 -6.74 14.54 6.26
CA PRO A 70 -8.02 14.35 6.93
C PRO A 70 -8.34 12.89 7.35
N MET A 71 -7.73 11.90 6.70
CA MET A 71 -8.14 10.48 6.93
C MET A 71 -7.72 9.94 8.30
N GLN A 72 -6.73 10.58 8.92
CA GLN A 72 -6.25 10.15 10.24
C GLN A 72 -7.00 10.81 11.42
N PHE A 73 -8.04 11.58 11.11
CA PHE A 73 -8.82 12.24 12.12
C PHE A 73 -10.19 11.56 12.21
N GLY A 74 -10.70 11.42 13.43
CA GLY A 74 -12.06 10.94 13.63
C GLY A 74 -12.98 12.14 13.71
N ALA A 75 -14.21 11.98 13.23
CA ALA A 75 -15.25 13.02 13.28
C ALA A 75 -15.41 13.67 14.68
N GLY A 76 -16.08 14.82 14.71
CA GLY A 76 -15.93 15.75 15.82
C GLY A 76 -15.05 16.86 15.26
N GLY A 77 -14.34 17.57 16.12
CA GLY A 77 -13.61 18.75 15.66
C GLY A 77 -12.10 18.68 15.63
N ASP A 78 -11.54 17.47 15.68
CA ASP A 78 -10.10 17.30 15.72
C ASP A 78 -9.44 17.88 14.48
N LEU A 79 -10.00 17.55 13.31
CA LEU A 79 -9.47 18.06 12.04
C LEU A 79 -9.45 19.59 11.99
N ASP A 80 -10.59 20.23 12.27
CA ASP A 80 -10.71 21.71 12.22
C ASP A 80 -9.85 22.43 13.27
N ALA A 81 -9.59 21.73 14.38
CA ALA A 81 -8.86 22.23 15.56
C ALA A 81 -7.35 22.09 15.42
N TYR A 82 -6.88 21.26 14.48
CA TYR A 82 -5.43 21.09 14.25
C TYR A 82 -4.76 22.42 13.94
N PRO A 83 -3.59 22.73 14.58
CA PRO A 83 -2.95 24.03 14.32
C PRO A 83 -2.44 24.19 12.89
N ARG A 84 -2.77 25.32 12.27
CA ARG A 84 -2.25 25.60 10.94
C ARG A 84 -1.47 26.91 10.98
N THR A 85 -0.18 26.84 10.62
CA THR A 85 0.72 28.03 10.64
C THR A 85 1.61 27.98 9.40
N PRO A 86 1.01 28.07 8.19
CA PRO A 86 1.72 27.88 6.91
C PRO A 86 2.89 28.85 6.71
N ASP A 87 2.68 30.11 7.12
CA ASP A 87 3.69 31.15 6.92
C ASP A 87 4.98 30.92 7.73
N ASP A 88 4.82 30.62 9.02
CA ASP A 88 5.94 30.19 9.86
C ASP A 88 6.58 28.91 9.32
N ASP A 89 5.77 27.91 8.93
CA ASP A 89 6.33 26.65 8.44
C ASP A 89 7.29 26.90 7.27
N LEU A 90 6.82 27.64 6.26
CA LEU A 90 7.64 27.84 5.06
C LEU A 90 8.90 28.67 5.33
N ALA A 91 8.74 29.69 6.16
CA ALA A 91 9.84 30.49 6.70
C ALA A 91 10.88 29.62 7.39
N GLN A 92 10.44 28.70 8.26
CA GLN A 92 11.38 27.81 8.94
C GLN A 92 12.16 26.91 7.97
N LEU A 93 11.48 26.43 6.92
CA LEU A 93 12.13 25.55 5.94
C LEU A 93 13.21 26.27 5.12
N ARG A 94 12.92 27.48 4.65
CA ARG A 94 13.93 28.36 4.03
C ARG A 94 15.13 28.57 4.93
N ALA A 95 14.89 28.92 6.20
CA ALA A 95 15.98 29.10 7.18
C ALA A 95 16.89 27.85 7.27
N GLU A 96 16.31 26.68 7.04
CA GLU A 96 17.04 25.44 7.17
C GLU A 96 17.68 24.99 5.87
N GLY A 97 17.46 25.74 4.81
CA GLY A 97 17.98 25.37 3.50
C GLY A 97 17.30 24.16 2.87
N VAL A 98 16.03 23.93 3.16
CA VAL A 98 15.23 22.92 2.45
C VAL A 98 14.97 23.40 1.02
N GLU A 99 15.21 22.54 0.05
CA GLU A 99 14.93 22.87 -1.34
C GLU A 99 13.49 22.57 -1.80
N ILE A 100 12.85 21.59 -1.16
CA ILE A 100 11.51 21.19 -1.60
C ILE A 100 10.48 21.12 -0.47
N ALA A 101 9.44 21.93 -0.57
CA ALA A 101 8.25 21.70 0.24
C ALA A 101 7.09 21.16 -0.62
N PHE A 102 6.49 20.05 -0.18
CA PHE A 102 5.37 19.46 -0.91
C PHE A 102 4.07 19.73 -0.13
N THR A 103 3.20 20.54 -0.71
CA THR A 103 2.00 20.99 -0.01
C THR A 103 0.71 20.66 -0.81
N PRO A 104 0.33 19.36 -0.88
CA PRO A 104 -0.73 18.88 -1.71
C PRO A 104 -2.07 19.34 -1.13
N THR A 105 -3.07 19.49 -2.00
CA THR A 105 -4.47 19.67 -1.55
C THR A 105 -5.18 18.37 -1.15
N THR A 106 -6.25 18.47 -0.39
CA THR A 106 -7.06 17.28 -0.07
C THR A 106 -7.60 16.65 -1.35
N ALA A 107 -8.05 17.49 -2.28
CA ALA A 107 -8.61 17.01 -3.55
C ALA A 107 -7.56 16.27 -4.38
N ALA A 108 -6.30 16.71 -4.35
CA ALA A 108 -5.25 16.06 -5.15
C ALA A 108 -4.91 14.72 -4.52
N MET A 109 -5.00 14.67 -3.20
CA MET A 109 -4.63 13.45 -2.44
C MET A 109 -5.75 12.45 -2.43
N TYR A 110 -6.99 12.94 -2.35
CA TYR A 110 -8.15 12.07 -2.22
C TYR A 110 -9.23 12.34 -3.30
N PRO A 111 -8.88 12.24 -4.58
CA PRO A 111 -9.87 12.60 -5.64
C PRO A 111 -11.05 11.63 -5.68
N ASP A 112 -10.83 10.41 -5.17
CA ASP A 112 -11.90 9.41 -5.15
C ASP A 112 -12.33 9.08 -3.76
N GLY A 113 -12.15 10.05 -2.86
CA GLY A 113 -12.35 9.85 -1.43
C GLY A 113 -11.64 8.64 -0.86
N LEU A 114 -12.31 7.93 0.03
CA LEU A 114 -11.73 6.71 0.62
C LEU A 114 -12.13 5.47 -0.14
N ARG A 115 -11.24 5.00 -0.99
CA ARG A 115 -11.52 3.86 -1.84
C ARG A 115 -10.53 2.78 -1.42
N THR A 116 -9.38 2.60 -2.13
CA THR A 116 -8.35 1.64 -1.68
C THR A 116 -7.62 2.31 -0.50
N THR A 117 -7.41 1.54 0.56
CA THR A 117 -6.75 2.05 1.76
C THR A 117 -5.85 0.99 2.37
N VAL A 118 -5.01 1.41 3.32
CA VAL A 118 -4.09 0.48 3.98
C VAL A 118 -4.79 0.04 5.27
N GLN A 119 -4.80 -1.26 5.50
CA GLN A 119 -5.34 -1.81 6.72
C GLN A 119 -4.09 -2.23 7.53
N PRO A 120 -3.76 -1.49 8.63
CA PRO A 120 -2.63 -1.88 9.48
C PRO A 120 -2.89 -3.21 10.16
N GLY A 121 -1.84 -3.82 10.66
CA GLY A 121 -1.98 -5.00 11.57
C GLY A 121 -2.63 -4.64 12.92
N PRO A 122 -2.79 -5.65 13.80
CA PRO A 122 -3.51 -5.45 15.07
C PRO A 122 -2.93 -4.38 16.05
N LEU A 123 -1.67 -3.98 15.87
CA LEU A 123 -1.13 -2.86 16.69
C LEU A 123 -1.92 -1.55 16.51
N ALA A 124 -2.52 -1.34 15.33
CA ALA A 124 -3.32 -0.14 15.11
C ALA A 124 -4.53 -0.05 16.06
N ALA A 125 -4.94 -1.17 16.68
CA ALA A 125 -6.13 -1.25 17.52
C ALA A 125 -5.78 -0.98 18.98
N GLU A 126 -4.50 -0.74 19.25
CA GLU A 126 -4.03 -0.61 20.63
C GLU A 126 -3.45 0.75 20.94
N LEU A 127 -3.20 1.01 22.23
CA LEU A 127 -2.63 2.26 22.68
C LEU A 127 -3.42 3.41 22.03
N GLU A 128 -2.78 4.23 21.22
CA GLU A 128 -3.46 5.40 20.62
C GLU A 128 -4.68 5.04 19.75
N GLY A 129 -4.66 3.83 19.22
CA GLY A 129 -5.68 3.37 18.31
C GLY A 129 -6.87 2.76 19.03
N GLY A 130 -6.71 2.55 20.33
CA GLY A 130 -7.76 1.98 21.16
C GLY A 130 -9.14 2.57 20.91
N PRO A 131 -9.36 3.84 21.33
CA PRO A 131 -10.59 4.57 21.04
C PRO A 131 -10.59 5.30 19.69
N ARG A 132 -9.63 4.99 18.83
CA ARG A 132 -9.43 5.71 17.55
C ARG A 132 -9.07 4.68 16.51
N PRO A 133 -10.00 3.78 16.23
CA PRO A 133 -9.60 2.56 15.55
C PRO A 133 -9.32 2.75 14.05
N THR A 134 -9.75 3.86 13.45
CA THR A 134 -9.38 4.14 12.03
C THR A 134 -8.12 4.99 11.87
N HIS A 135 -7.58 5.48 13.00
CA HIS A 135 -6.55 6.51 12.97
C HIS A 135 -5.31 6.11 12.17
N PHE A 136 -4.75 4.94 12.48
CA PHE A 136 -3.52 4.52 11.82
C PHE A 136 -3.67 4.06 10.37
N ALA A 137 -4.82 3.52 10.02
CA ALA A 137 -5.20 3.27 8.61
C ALA A 137 -5.03 4.58 7.89
N GLY A 138 -5.53 5.66 8.49
CA GLY A 138 -5.31 7.01 7.91
C GLY A 138 -3.86 7.43 7.70
N VAL A 139 -3.06 7.21 8.75
CA VAL A 139 -1.63 7.55 8.74
C VAL A 139 -0.94 6.73 7.67
N LEU A 140 -1.12 5.41 7.73
N LEU A 140 -1.09 5.40 7.76
CA LEU A 140 -0.45 4.50 6.85
CA LEU A 140 -0.44 4.52 6.85
C LEU A 140 -0.88 4.64 5.40
C LEU A 140 -0.87 4.76 5.41
N THR A 141 -2.17 4.94 5.18
CA THR A 141 -2.66 5.26 3.79
C THR A 141 -1.88 6.51 3.26
N VAL A 142 -1.81 7.58 4.05
CA VAL A 142 -1.16 8.77 3.54
C VAL A 142 0.36 8.62 3.36
N VAL A 143 1.01 7.90 4.27
CA VAL A 143 2.44 7.76 4.20
C VAL A 143 2.74 6.89 2.99
N LEU A 144 1.91 5.87 2.73
CA LEU A 144 2.15 5.04 1.55
C LEU A 144 2.12 5.92 0.29
N LYS A 145 1.10 6.76 0.18
CA LYS A 145 0.96 7.65 -1.01
C LYS A 145 2.16 8.59 -1.19
N LEU A 146 2.60 9.18 -0.08
CA LEU A 146 3.64 10.17 -0.09
C LEU A 146 4.91 9.46 -0.55
N LEU A 147 5.09 8.21 -0.07
CA LEU A 147 6.27 7.42 -0.50
C LEU A 147 6.23 7.11 -2.00
N GLN A 148 5.05 6.85 -2.53
CA GLN A 148 4.90 6.54 -3.95
C GLN A 148 5.04 7.74 -4.83
N ILE A 149 4.65 8.89 -4.32
CA ILE A 149 4.68 10.14 -5.05
C ILE A 149 6.14 10.65 -5.16
N VAL A 150 6.84 10.69 -4.02
CA VAL A 150 8.19 11.24 -3.86
C VAL A 150 9.29 10.20 -4.13
N ARG A 151 8.99 8.93 -3.86
CA ARG A 151 9.93 7.83 -4.00
C ARG A 151 11.30 8.21 -3.38
N PRO A 152 11.30 8.53 -2.06
CA PRO A 152 12.58 8.90 -1.46
C PRO A 152 13.50 7.70 -1.19
N ASP A 153 14.79 7.98 -1.01
CA ASP A 153 15.72 6.96 -0.52
C ASP A 153 15.53 6.59 0.96
N ARG A 154 15.24 7.59 1.75
CA ARG A 154 15.02 7.45 3.16
C ARG A 154 13.91 8.40 3.56
N VAL A 155 13.14 7.95 4.54
CA VAL A 155 12.00 8.70 5.14
C VAL A 155 12.25 8.88 6.65
N PHE A 156 12.04 10.08 7.16
CA PHE A 156 12.41 10.46 8.54
C PHE A 156 11.14 10.69 9.41
N PHE A 157 11.07 9.96 10.53
CA PHE A 157 10.03 10.15 11.53
C PHE A 157 10.63 10.34 12.92
N GLY A 158 9.93 11.05 13.80
CA GLY A 158 10.33 11.21 15.22
C GLY A 158 9.95 9.99 16.05
N GLU A 159 10.73 9.72 17.11
CA GLU A 159 10.43 8.67 18.04
C GLU A 159 9.31 9.10 18.96
N LYS A 160 8.97 10.37 18.94
CA LYS A 160 7.88 10.95 19.75
C LYS A 160 6.54 10.18 19.63
N ASP A 161 6.08 10.06 18.40
CA ASP A 161 4.93 9.29 18.06
C ASP A 161 5.49 7.91 17.72
N TYR A 162 5.93 7.24 18.78
CA TYR A 162 6.66 6.00 18.66
C TYR A 162 5.80 4.89 18.04
N GLN A 163 4.54 4.78 18.46
CA GLN A 163 3.65 3.71 17.87
C GLN A 163 3.52 3.90 16.35
N GLN A 164 3.37 5.14 15.95
CA GLN A 164 3.30 5.45 14.55
C GLN A 164 4.60 5.02 13.82
N LEU A 165 5.77 5.25 14.42
CA LEU A 165 7.05 4.86 13.81
C LEU A 165 7.05 3.37 13.62
N VAL A 166 6.61 2.63 14.65
CA VAL A 166 6.63 1.16 14.56
C VAL A 166 5.73 0.67 13.39
N LEU A 167 4.58 1.31 13.26
CA LEU A 167 3.57 0.96 12.25
C LEU A 167 4.12 1.27 10.89
N ILE A 168 4.74 2.42 10.74
CA ILE A 168 5.42 2.75 9.49
C ILE A 168 6.51 1.74 9.11
N ARG A 169 7.29 1.22 10.07
CA ARG A 169 8.30 0.20 9.76
C ARG A 169 7.60 -1.09 9.33
N GLN A 170 6.43 -1.36 9.93
CA GLN A 170 5.57 -2.49 9.53
C GLN A 170 5.08 -2.31 8.08
N LEU A 171 4.55 -1.14 7.76
CA LEU A 171 4.15 -0.79 6.40
C LEU A 171 5.25 -1.09 5.40
N VAL A 172 6.42 -0.51 5.68
CA VAL A 172 7.58 -0.66 4.82
C VAL A 172 7.98 -2.12 4.65
N ALA A 173 8.09 -2.85 5.76
CA ALA A 173 8.39 -4.30 5.68
C ALA A 173 7.36 -5.10 4.91
N ASP A 174 6.09 -4.95 5.30
CA ASP A 174 5.01 -5.82 4.82
C ASP A 174 4.66 -5.58 3.33
N PHE A 175 4.87 -4.35 2.86
CA PHE A 175 4.68 -4.04 1.44
C PHE A 175 5.98 -4.03 0.60
N ASN A 176 7.09 -4.45 1.20
CA ASN A 176 8.40 -4.50 0.45
C ASN A 176 8.82 -3.15 -0.15
N LEU A 177 8.57 -2.08 0.57
CA LEU A 177 8.93 -0.75 0.09
C LEU A 177 10.44 -0.53 0.08
N ASP A 178 10.96 0.02 -1.02
CA ASP A 178 12.40 0.22 -1.20
C ASP A 178 12.76 1.59 -0.65
N VAL A 179 12.58 1.77 0.66
CA VAL A 179 12.92 3.02 1.38
C VAL A 179 13.49 2.59 2.73
N ALA A 180 14.38 3.40 3.27
CA ALA A 180 14.95 3.21 4.61
C ALA A 180 14.14 4.11 5.53
N VAL A 181 13.66 3.55 6.64
CA VAL A 181 12.92 4.33 7.63
C VAL A 181 13.92 4.79 8.71
N VAL A 182 14.08 6.12 8.85
CA VAL A 182 14.99 6.65 9.86
C VAL A 182 14.22 7.26 11.03
N GLY A 183 14.39 6.66 12.22
CA GLY A 183 13.78 7.19 13.43
C GLY A 183 14.73 8.19 14.09
N VAL A 184 14.21 9.33 14.49
CA VAL A 184 15.00 10.42 15.08
C VAL A 184 14.57 10.69 16.54
N PRO A 185 15.54 10.63 17.51
CA PRO A 185 15.28 10.87 18.92
C PRO A 185 14.51 12.17 19.14
N THR A 186 13.54 12.09 20.04
CA THR A 186 12.65 13.16 20.40
C THR A 186 13.40 14.37 20.93
N VAL A 187 13.09 15.54 20.39
CA VAL A 187 13.63 16.84 20.92
C VAL A 187 12.77 17.26 22.07
N ARG A 188 13.43 17.79 23.12
CA ARG A 188 12.74 18.16 24.37
C ARG A 188 13.01 19.61 24.76
N GLU A 189 12.05 20.25 25.44
CA GLU A 189 12.30 21.54 26.06
C GLU A 189 13.37 21.33 27.16
N ALA A 190 13.85 22.42 27.74
CA ALA A 190 14.94 22.30 28.71
C ALA A 190 14.53 21.55 29.98
N ASP A 191 13.25 21.57 30.36
CA ASP A 191 12.78 20.78 31.50
C ASP A 191 12.55 19.26 31.22
N GLY A 192 12.70 18.87 29.96
CA GLY A 192 12.33 17.51 29.54
C GLY A 192 11.05 17.34 28.70
N LEU A 193 10.15 18.34 28.67
CA LEU A 193 8.85 18.20 27.96
C LEU A 193 9.09 17.85 26.49
N ALA A 194 8.57 16.70 26.04
CA ALA A 194 8.62 16.38 24.60
C ALA A 194 7.98 17.51 23.78
N MET A 195 8.71 17.98 22.79
CA MET A 195 8.14 18.93 21.85
C MET A 195 6.97 18.33 21.07
N SER A 196 5.98 19.19 20.81
CA SER A 196 4.76 18.79 20.10
C SER A 196 4.05 20.04 19.63
N SER A 197 3.34 19.93 18.50
CA SER A 197 2.44 21.00 18.04
C SER A 197 1.24 21.16 19.03
N ARG A 198 1.07 20.19 19.91
CA ARG A 198 -0.06 20.28 20.87
C ARG A 198 0.30 21.11 22.13
N ASN A 199 1.60 21.30 22.36
CA ASN A 199 2.10 22.00 23.53
C ASN A 199 1.60 23.44 23.63
N ARG A 200 1.23 24.04 22.50
CA ARG A 200 0.66 25.40 22.48
C ARG A 200 -0.66 25.48 23.26
N TYR A 201 -1.34 24.35 23.44
CA TYR A 201 -2.63 24.31 24.13
C TYR A 201 -2.51 24.08 25.64
N LEU A 202 -1.32 24.23 26.19
CA LEU A 202 -1.15 24.15 27.65
C LEU A 202 -1.06 25.57 28.24
N ASP A 203 -1.94 25.89 29.17
CA ASP A 203 -1.80 27.20 29.86
C ASP A 203 -0.58 27.11 30.82
N PRO A 204 -0.14 28.24 31.42
CA PRO A 204 1.00 28.17 32.38
C PRO A 204 0.91 27.09 33.45
N ALA A 205 -0.25 26.90 34.07
CA ALA A 205 -0.40 25.82 35.05
C ALA A 205 -0.15 24.42 34.44
N GLN A 206 -0.84 24.14 33.32
CA GLN A 206 -0.69 22.87 32.58
C GLN A 206 0.74 22.71 32.10
N ARG A 207 1.35 23.76 31.60
CA ARG A 207 2.74 23.65 31.12
C ARG A 207 3.67 23.21 32.25
N ALA A 208 3.41 23.71 33.46
CA ALA A 208 4.26 23.37 34.61
C ALA A 208 4.05 21.92 34.98
N ALA A 209 2.77 21.51 35.03
CA ALA A 209 2.40 20.16 35.38
C ALA A 209 2.91 19.11 34.37
N ALA A 210 2.94 19.49 33.09
CA ALA A 210 3.34 18.61 31.97
C ALA A 210 4.76 17.99 32.03
N VAL A 211 5.67 18.58 32.79
CA VAL A 211 7.03 18.03 32.96
C VAL A 211 6.94 16.64 33.60
N ALA A 212 5.81 16.35 34.26
CA ALA A 212 5.59 15.06 34.94
C ALA A 212 5.66 13.86 33.99
N LEU A 213 5.31 14.05 32.73
CA LEU A 213 5.44 12.94 31.79
C LEU A 213 6.86 12.45 31.59
N SER A 214 7.76 13.38 31.20
CA SER A 214 9.18 13.10 30.96
C SER A 214 9.89 12.75 32.28
N ALA A 215 9.58 13.48 33.35
CA ALA A 215 10.13 13.14 34.67
C ALA A 215 9.79 11.72 35.07
N ALA A 216 8.53 11.31 34.84
CA ALA A 216 8.06 9.94 35.13
C ALA A 216 8.81 8.89 34.31
N LEU A 217 9.01 9.16 33.02
CA LEU A 217 9.71 8.27 32.13
C LEU A 217 11.20 8.15 32.46
N THR A 218 11.87 9.27 32.72
CA THR A 218 13.31 9.19 33.05
C THR A 218 13.51 8.52 34.41
N ALA A 219 12.58 8.74 35.36
CA ALA A 219 12.63 8.10 36.68
C ALA A 219 12.52 6.58 36.47
N ALA A 220 11.55 6.16 35.65
CA ALA A 220 11.35 4.76 35.32
C ALA A 220 12.56 4.19 34.65
N ALA A 221 13.19 4.92 33.72
CA ALA A 221 14.35 4.38 32.97
C ALA A 221 15.54 4.10 33.91
N HIS A 222 15.65 4.92 34.97
CA HIS A 222 16.68 4.75 35.98
C HIS A 222 16.38 3.70 37.05
N ALA A 223 15.12 3.67 37.46
CA ALA A 223 14.60 2.69 38.38
C ALA A 223 14.63 1.28 37.85
N ALA A 224 14.65 1.15 36.51
CA ALA A 224 14.57 -0.13 35.80
C ALA A 224 15.68 -1.14 36.16
N THR A 225 16.74 -0.73 36.85
CA THR A 225 17.77 -1.71 37.32
C THR A 225 17.16 -2.66 38.31
N ALA A 226 16.10 -2.18 38.98
CA ALA A 226 15.38 -2.86 40.02
C ALA A 226 14.20 -3.65 39.46
N GLY A 227 13.96 -3.58 38.14
CA GLY A 227 12.97 -4.43 37.48
C GLY A 227 11.75 -3.68 36.98
N ALA A 228 10.84 -4.44 36.36
CA ALA A 228 9.72 -3.81 35.67
C ALA A 228 8.77 -3.14 36.63
N GLN A 229 8.50 -3.77 37.76
CA GLN A 229 7.47 -3.26 38.64
C GLN A 229 7.98 -1.95 39.22
N ALA A 230 9.26 -1.92 39.58
CA ALA A 230 9.87 -0.76 40.19
C ALA A 230 9.88 0.39 39.17
N ALA A 231 10.22 0.09 37.92
CA ALA A 231 10.12 1.10 36.82
C ALA A 231 8.73 1.72 36.70
N LEU A 232 7.72 0.85 36.60
CA LEU A 232 6.33 1.29 36.43
C LEU A 232 5.84 2.08 37.64
N ASP A 233 6.13 1.59 38.84
CA ASP A 233 5.70 2.27 40.08
C ASP A 233 6.34 3.65 40.28
N ALA A 234 7.60 3.77 39.90
CA ALA A 234 8.28 5.09 39.94
C ALA A 234 7.61 6.05 38.98
N ALA A 235 7.31 5.59 37.77
CA ALA A 235 6.59 6.44 36.80
C ALA A 235 5.21 6.83 37.36
N ARG A 236 4.50 5.86 37.92
CA ARG A 236 3.17 6.08 38.49
C ARG A 236 3.16 7.13 39.63
N ALA A 237 4.19 7.07 40.47
CA ALA A 237 4.38 7.94 41.64
C ALA A 237 4.52 9.39 41.20
N VAL A 238 5.35 9.59 40.18
CA VAL A 238 5.56 10.93 39.62
C VAL A 238 4.24 11.46 39.04
N LEU A 239 3.56 10.63 38.23
CA LEU A 239 2.30 11.06 37.59
C LEU A 239 1.25 11.41 38.65
N ASP A 240 1.16 10.56 39.68
CA ASP A 240 0.25 10.77 40.80
C ASP A 240 0.58 12.05 41.60
N ALA A 241 1.86 12.46 41.61
CA ALA A 241 2.26 13.69 42.29
C ALA A 241 1.91 14.94 41.47
N ALA A 242 1.45 14.76 40.23
CA ALA A 242 1.32 15.87 39.27
C ALA A 242 -0.08 16.38 39.17
N PRO A 243 -0.25 17.71 39.31
CA PRO A 243 -1.55 18.37 39.50
C PRO A 243 -2.33 18.45 38.19
N GLY A 244 -3.47 17.78 38.12
CA GLY A 244 -4.32 17.88 36.93
C GLY A 244 -3.77 17.15 35.70
N VAL A 245 -2.95 16.13 35.93
CA VAL A 245 -2.54 15.25 34.86
C VAL A 245 -3.42 14.01 34.94
N ALA A 246 -4.20 13.83 33.89
CA ALA A 246 -5.11 12.71 33.82
C ALA A 246 -4.49 11.62 32.92
N VAL A 247 -3.92 10.59 33.54
CA VAL A 247 -3.25 9.52 32.77
C VAL A 247 -4.26 8.66 32.00
N ASP A 248 -4.08 8.58 30.68
N ASP A 248 -4.07 8.51 30.69
CA ASP A 248 -4.83 7.65 29.84
CA ASP A 248 -4.88 7.59 29.87
C ASP A 248 -4.26 6.27 30.08
C ASP A 248 -4.33 6.17 29.84
N TYR A 249 -3.02 6.08 29.62
CA TYR A 249 -2.32 4.80 29.77
C TYR A 249 -0.86 5.03 30.13
N LEU A 250 -0.29 4.07 30.84
CA LEU A 250 1.14 4.01 31.06
C LEU A 250 1.52 2.55 30.86
N GLU A 251 2.24 2.26 29.76
CA GLU A 251 2.46 0.88 29.41
C GLU A 251 3.86 0.61 29.05
N LEU A 252 4.33 -0.53 29.51
CA LEU A 252 5.67 -0.97 29.25
C LEU A 252 5.61 -2.12 28.27
N ARG A 253 6.25 -1.97 27.11
CA ARG A 253 6.16 -2.97 26.04
C ARG A 253 7.48 -3.39 25.48
N ASP A 254 7.53 -4.55 24.84
CA ASP A 254 8.63 -4.83 23.95
C ASP A 254 8.85 -3.67 22.95
N ILE A 255 10.08 -3.51 22.44
CA ILE A 255 10.37 -2.37 21.55
C ILE A 255 9.52 -2.36 20.27
N GLY A 256 9.21 -3.55 19.74
CA GLY A 256 8.32 -3.65 18.58
C GLY A 256 6.84 -3.46 18.92
N LEU A 257 6.53 -3.29 20.20
CA LEU A 257 5.17 -3.00 20.70
C LEU A 257 4.16 -4.13 20.50
N GLY A 258 4.61 -5.27 19.95
CA GLY A 258 3.72 -6.27 19.29
C GLY A 258 3.51 -7.49 20.18
N PRO A 259 3.13 -8.65 19.58
CA PRO A 259 2.71 -9.85 20.32
C PRO A 259 3.89 -10.62 20.98
N MET A 260 4.90 -9.89 21.45
CA MET A 260 6.04 -10.49 22.13
C MET A 260 6.13 -9.93 23.56
N PRO A 261 6.55 -10.76 24.54
CA PRO A 261 6.65 -10.25 25.91
C PRO A 261 7.80 -9.23 26.06
N LEU A 262 7.77 -8.42 27.12
CA LEU A 262 8.92 -7.61 27.46
C LEU A 262 10.06 -8.53 27.97
N ASN A 263 11.17 -8.58 27.22
CA ASN A 263 12.37 -9.25 27.70
C ASN A 263 13.59 -8.34 27.59
N GLY A 264 13.85 -7.57 28.65
CA GLY A 264 15.08 -6.80 28.72
C GLY A 264 14.97 -5.41 28.10
N SER A 265 14.83 -5.35 26.77
CA SER A 265 14.78 -4.07 26.05
C SER A 265 13.33 -3.73 25.78
N GLY A 266 12.92 -2.55 26.21
CA GLY A 266 11.50 -2.23 26.07
C GLY A 266 11.28 -0.78 25.76
N ARG A 267 10.01 -0.40 25.70
CA ARG A 267 9.69 1.02 25.56
C ARG A 267 8.58 1.29 26.53
N LEU A 268 8.72 2.37 27.30
CA LEU A 268 7.67 2.79 28.22
C LEU A 268 6.90 3.91 27.55
N LEU A 269 5.60 3.72 27.43
CA LEU A 269 4.78 4.73 26.76
C LEU A 269 3.76 5.30 27.70
N VAL A 270 3.63 6.62 27.61
CA VAL A 270 2.60 7.32 28.38
C VAL A 270 1.71 8.22 27.48
N ALA A 271 0.42 8.33 27.80
CA ALA A 271 -0.45 9.30 27.21
C ALA A 271 -1.27 9.86 28.38
N ALA A 272 -1.43 11.17 28.44
CA ALA A 272 -2.13 11.84 29.54
C ALA A 272 -2.87 13.07 28.99
N ARG A 273 -3.94 13.49 29.68
CA ARG A 273 -4.68 14.72 29.37
C ARG A 273 -4.38 15.81 30.37
N LEU A 274 -4.04 16.98 29.87
CA LEU A 274 -3.96 18.20 30.67
C LEU A 274 -5.08 19.10 30.18
N GLY A 275 -6.15 19.23 30.96
CA GLY A 275 -7.40 19.83 30.42
C GLY A 275 -7.89 19.01 29.22
N THR A 276 -7.97 19.67 28.07
CA THR A 276 -8.39 19.05 26.80
C THR A 276 -7.19 18.60 25.96
N THR A 277 -5.98 18.97 26.40
CA THR A 277 -4.75 18.71 25.63
C THR A 277 -4.18 17.31 25.91
N ARG A 278 -4.12 16.46 24.88
CA ARG A 278 -3.64 15.09 25.06
C ARG A 278 -2.16 15.08 24.71
N LEU A 279 -1.32 14.69 25.67
CA LEU A 279 0.15 14.66 25.45
C LEU A 279 0.62 13.21 25.43
N LEU A 280 1.67 12.94 24.66
CA LEU A 280 2.28 11.62 24.58
C LEU A 280 3.80 11.77 24.86
N ASP A 281 4.42 10.74 25.41
CA ASP A 281 5.88 10.69 25.47
C ASP A 281 6.26 9.21 25.59
N ASN A 282 7.51 8.87 25.31
CA ASN A 282 7.93 7.45 25.49
C ASN A 282 9.40 7.48 25.69
N ILE A 283 9.97 6.38 26.20
CA ILE A 283 11.41 6.33 26.42
C ILE A 283 11.92 4.92 26.23
N ALA A 284 13.18 4.75 25.83
CA ALA A 284 13.75 3.40 25.92
C ALA A 284 13.82 2.99 27.38
N ILE A 285 13.60 1.71 27.64
CA ILE A 285 13.82 1.11 28.97
C ILE A 285 14.72 -0.14 28.81
N GLU A 286 15.76 -0.28 29.65
CA GLU A 286 16.51 -1.54 29.75
C GLU A 286 16.34 -2.17 31.13
N ILE A 287 15.78 -3.37 31.20
CA ILE A 287 15.47 -3.99 32.48
C ILE A 287 16.75 -4.67 33.01
N GLY A 288 17.11 -4.35 34.27
CA GLY A 288 18.35 -4.83 34.90
C GLY A 288 19.67 -4.21 34.39
N THR A 289 19.58 -3.06 33.71
CA THR A 289 20.74 -2.40 33.08
C THR A 289 21.04 -1.04 33.73
N PHE A 290 22.20 -0.96 34.40
CA PHE A 290 22.70 0.30 35.00
C PHE A 290 23.62 1.08 34.05
N ALA A 291 23.10 2.15 33.45
CA ALA A 291 23.90 2.99 32.53
C ALA A 291 23.15 4.25 32.09
N ALA B 2 27.45 -7.22 -4.35
CA ALA B 2 27.46 -7.87 -5.69
C ALA B 2 26.05 -8.28 -6.16
N ILE B 3 25.53 -7.58 -7.17
CA ILE B 3 24.22 -7.88 -7.80
C ILE B 3 24.15 -9.39 -8.11
N PRO B 4 23.00 -10.06 -7.87
CA PRO B 4 22.96 -11.49 -8.26
C PRO B 4 23.27 -11.70 -9.74
N ALA B 5 23.69 -12.91 -10.09
CA ALA B 5 24.03 -13.21 -11.46
C ALA B 5 22.79 -13.15 -12.36
N PHE B 6 22.92 -12.44 -13.48
CA PHE B 6 21.91 -12.46 -14.53
C PHE B 6 22.54 -12.85 -15.89
N HIS B 7 21.94 -13.83 -16.56
CA HIS B 7 22.36 -14.27 -17.89
C HIS B 7 21.33 -13.87 -18.95
N PRO B 8 21.65 -12.83 -19.75
CA PRO B 8 20.84 -12.34 -20.88
C PRO B 8 20.44 -13.47 -21.82
N GLY B 9 19.20 -13.47 -22.29
CA GLY B 9 18.70 -14.53 -23.17
C GLY B 9 18.47 -15.89 -22.53
N GLU B 10 18.72 -16.03 -21.24
CA GLU B 10 18.39 -17.28 -20.55
C GLU B 10 17.27 -17.05 -19.53
N LEU B 11 16.48 -18.07 -19.24
CA LEU B 11 15.54 -17.96 -18.13
C LEU B 11 16.30 -17.96 -16.79
N ASN B 12 16.22 -16.83 -16.08
CA ASN B 12 16.86 -16.65 -14.79
C ASN B 12 15.81 -16.78 -13.70
N VAL B 13 15.99 -17.77 -12.83
CA VAL B 13 15.00 -18.02 -11.76
C VAL B 13 15.51 -17.55 -10.40
N TYR B 14 14.70 -16.71 -9.72
CA TYR B 14 15.01 -16.19 -8.40
C TYR B 14 13.84 -16.44 -7.51
N SER B 15 14.10 -16.85 -6.27
CA SER B 15 13.03 -17.12 -5.31
C SER B 15 13.04 -16.07 -4.20
N ALA B 16 14.18 -15.44 -3.99
CA ALA B 16 14.35 -14.43 -2.93
C ALA B 16 13.81 -13.07 -3.40
N PRO B 17 12.81 -12.50 -2.69
CA PRO B 17 12.42 -11.16 -3.14
C PRO B 17 13.58 -10.15 -3.36
N GLY B 18 14.57 -10.13 -2.45
CA GLY B 18 15.68 -9.17 -2.58
C GLY B 18 16.50 -9.34 -3.85
N ASP B 19 16.64 -10.57 -4.29
CA ASP B 19 17.41 -10.90 -5.50
C ASP B 19 16.80 -10.36 -6.79
N VAL B 20 15.53 -10.69 -7.01
CA VAL B 20 14.86 -10.15 -8.19
C VAL B 20 14.78 -8.59 -8.10
N ALA B 21 14.69 -8.05 -6.88
CA ALA B 21 14.67 -6.59 -6.69
C ALA B 21 15.94 -5.98 -7.21
N ASP B 22 17.08 -6.57 -6.79
CA ASP B 22 18.41 -6.11 -7.20
C ASP B 22 18.66 -6.27 -8.68
N VAL B 23 18.33 -7.45 -9.23
CA VAL B 23 18.49 -7.70 -10.69
C VAL B 23 17.62 -6.74 -11.52
N SER B 24 16.40 -6.53 -11.05
CA SER B 24 15.47 -5.65 -11.75
C SER B 24 16.01 -4.22 -11.79
N ARG B 25 16.42 -3.71 -10.63
N ARG B 25 16.45 -3.73 -10.63
CA ARG B 25 16.97 -2.34 -10.51
CA ARG B 25 16.93 -2.34 -10.51
C ARG B 25 18.16 -2.19 -11.45
C ARG B 25 18.21 -2.12 -11.31
N ALA B 26 19.12 -3.11 -11.32
CA ALA B 26 20.32 -3.10 -12.15
C ALA B 26 19.97 -3.10 -13.64
N LEU B 27 19.04 -3.97 -14.04
CA LEU B 27 18.60 -4.03 -15.43
C LEU B 27 18.00 -2.72 -15.98
N ARG B 28 17.15 -2.09 -15.17
CA ARG B 28 16.57 -0.85 -15.58
C ARG B 28 17.63 0.21 -15.85
N LEU B 29 18.73 0.15 -15.10
CA LEU B 29 19.85 1.08 -15.27
C LEU B 29 20.64 0.82 -16.56
N THR B 30 20.70 -0.45 -16.99
CA THR B 30 21.32 -0.87 -18.26
C THR B 30 20.47 -0.60 -19.50
N GLY B 31 19.37 0.13 -19.35
CA GLY B 31 18.55 0.47 -20.51
C GLY B 31 17.51 -0.56 -20.91
N ARG B 32 16.99 -1.28 -19.91
CA ARG B 32 15.86 -2.19 -20.12
C ARG B 32 14.60 -1.59 -19.54
N ARG B 33 13.45 -1.99 -20.10
CA ARG B 33 12.16 -1.64 -19.52
C ARG B 33 11.58 -2.91 -18.93
N VAL B 34 11.26 -2.85 -17.66
CA VAL B 34 10.91 -4.02 -16.88
C VAL B 34 9.42 -4.24 -16.94
N MET B 35 9.07 -5.44 -17.42
CA MET B 35 7.69 -5.81 -17.66
C MET B 35 7.37 -6.95 -16.70
N LEU B 36 6.31 -6.79 -15.91
CA LEU B 36 5.89 -7.83 -14.98
C LEU B 36 4.58 -8.47 -15.36
N VAL B 37 4.55 -9.81 -15.31
CA VAL B 37 3.36 -10.59 -15.60
C VAL B 37 3.09 -11.48 -14.38
N PRO B 38 2.20 -11.06 -13.47
CA PRO B 38 1.95 -11.87 -12.29
C PRO B 38 1.07 -13.10 -12.58
N THR B 39 1.55 -14.29 -12.22
CA THR B 39 0.77 -15.51 -12.41
C THR B 39 0.70 -16.33 -11.15
N MET B 40 -0.20 -17.31 -11.16
CA MET B 40 -0.22 -18.30 -10.10
C MET B 40 0.18 -19.64 -10.65
N GLY B 41 1.08 -19.65 -11.65
CA GLY B 41 1.53 -20.88 -12.29
C GLY B 41 0.42 -21.61 -13.05
N ALA B 42 0.66 -22.89 -13.36
CA ALA B 42 -0.22 -23.69 -14.26
C ALA B 42 -0.57 -22.91 -15.52
N LEU B 43 0.49 -22.57 -16.25
CA LEU B 43 0.39 -21.63 -17.37
C LEU B 43 -0.20 -22.29 -18.60
N HIS B 44 -1.05 -21.56 -19.31
CA HIS B 44 -1.67 -21.96 -20.58
C HIS B 44 -1.52 -20.82 -21.58
N GLU B 45 -2.19 -20.90 -22.75
CA GLU B 45 -2.07 -19.88 -23.80
C GLU B 45 -2.51 -18.50 -23.39
N GLY B 46 -3.47 -18.42 -22.49
CA GLY B 46 -3.87 -17.14 -21.88
C GLY B 46 -2.69 -16.38 -21.27
N HIS B 47 -1.90 -17.06 -20.47
CA HIS B 47 -0.69 -16.48 -19.88
C HIS B 47 0.35 -16.18 -20.93
N LEU B 48 0.48 -17.05 -21.94
CA LEU B 48 1.41 -16.80 -23.02
C LEU B 48 1.09 -15.52 -23.80
N ALA B 49 -0.20 -15.20 -23.96
CA ALA B 49 -0.61 -13.93 -24.57
C ALA B 49 -0.11 -12.76 -23.72
N LEU B 50 -0.22 -12.91 -22.38
CA LEU B 50 0.36 -11.92 -21.44
C LEU B 50 1.85 -11.75 -21.69
N VAL B 51 2.56 -12.87 -21.75
CA VAL B 51 4.00 -12.84 -21.97
C VAL B 51 4.38 -12.15 -23.30
N ARG B 52 3.70 -12.48 -24.39
CA ARG B 52 4.03 -11.92 -25.70
C ARG B 52 3.76 -10.45 -25.78
N ALA B 53 2.68 -10.00 -25.10
CA ALA B 53 2.38 -8.57 -25.02
C ALA B 53 3.57 -7.84 -24.34
N ALA B 54 4.09 -8.42 -23.29
CA ALA B 54 5.16 -7.84 -22.51
C ALA B 54 6.43 -7.86 -23.37
N LYS B 55 6.70 -8.98 -24.03
CA LYS B 55 7.93 -9.16 -24.81
C LYS B 55 8.03 -8.11 -25.90
N ARG B 56 6.92 -7.73 -26.53
CA ARG B 56 7.04 -6.90 -27.73
C ARG B 56 7.40 -5.44 -27.46
N VAL B 57 7.41 -5.03 -26.20
CA VAL B 57 7.75 -3.66 -25.86
C VAL B 57 9.27 -3.53 -26.07
N PRO B 58 9.72 -2.53 -26.90
CA PRO B 58 11.18 -2.42 -27.14
C PRO B 58 11.95 -2.23 -25.83
N GLY B 59 13.08 -2.91 -25.73
CA GLY B 59 13.92 -2.94 -24.51
C GLY B 59 13.33 -3.71 -23.35
N SER B 60 12.28 -4.50 -23.59
CA SER B 60 11.59 -5.23 -22.53
C SER B 60 12.54 -6.26 -21.92
N VAL B 61 12.51 -6.36 -20.60
CA VAL B 61 12.88 -7.62 -19.95
C VAL B 61 11.63 -8.08 -19.23
N VAL B 62 11.27 -9.35 -19.43
CA VAL B 62 10.03 -9.86 -18.92
C VAL B 62 10.27 -10.62 -17.61
N VAL B 63 9.59 -10.13 -16.56
CA VAL B 63 9.45 -10.80 -15.28
C VAL B 63 8.09 -11.47 -15.16
N VAL B 64 8.11 -12.80 -15.02
CA VAL B 64 6.90 -13.55 -14.78
C VAL B 64 7.00 -14.03 -13.34
N SER B 65 6.02 -13.65 -12.51
CA SER B 65 6.00 -14.16 -11.15
C SER B 65 5.10 -15.38 -11.10
N ILE B 66 5.45 -16.33 -10.25
CA ILE B 66 4.62 -17.52 -10.11
C ILE B 66 4.45 -17.70 -8.63
N PHE B 67 3.26 -17.38 -8.12
CA PHE B 67 3.08 -17.48 -6.69
C PHE B 67 1.64 -17.76 -6.39
N VAL B 68 1.35 -18.93 -5.79
CA VAL B 68 -0.02 -19.21 -5.34
C VAL B 68 -0.21 -18.44 -4.06
N ASN B 69 -0.97 -17.36 -4.17
CA ASN B 69 -1.16 -16.46 -3.06
C ASN B 69 -2.17 -17.07 -2.09
N PRO B 70 -1.70 -17.51 -0.90
CA PRO B 70 -2.66 -18.10 0.06
C PRO B 70 -3.75 -17.12 0.47
N MET B 71 -3.44 -15.81 0.41
CA MET B 71 -4.33 -14.77 0.91
C MET B 71 -5.56 -14.47 0.02
N GLN B 72 -5.54 -14.91 -1.25
CA GLN B 72 -6.71 -14.77 -2.14
C GLN B 72 -7.53 -16.06 -2.25
N PHE B 73 -7.24 -17.02 -1.38
CA PHE B 73 -8.05 -18.25 -1.25
C PHE B 73 -8.88 -18.26 0.05
N GLY B 74 -10.03 -18.94 0.00
CA GLY B 74 -11.11 -18.84 1.00
C GLY B 74 -10.79 -19.04 2.48
N ALA B 75 -11.00 -17.96 3.25
CA ALA B 75 -10.65 -17.82 4.68
C ALA B 75 -10.50 -19.08 5.53
N TYR B 82 -5.12 -27.28 -5.83
CA TYR B 82 -4.73 -26.31 -6.84
C TYR B 82 -3.67 -26.89 -7.78
N PRO B 83 -3.74 -26.59 -9.10
CA PRO B 83 -2.69 -27.04 -10.04
C PRO B 83 -1.32 -26.37 -9.79
N ARG B 84 -0.26 -27.20 -9.76
CA ARG B 84 1.11 -26.70 -9.60
C ARG B 84 2.08 -27.46 -10.51
N THR B 85 2.41 -26.87 -11.66
CA THR B 85 3.30 -27.55 -12.62
C THR B 85 4.64 -26.82 -12.87
N PRO B 86 5.56 -26.80 -11.86
CA PRO B 86 6.72 -25.89 -11.90
C PRO B 86 7.61 -26.09 -13.14
N ASP B 87 8.02 -27.33 -13.37
CA ASP B 87 8.88 -27.72 -14.49
C ASP B 87 8.29 -27.33 -15.83
N ASP B 88 7.03 -27.68 -16.06
CA ASP B 88 6.36 -27.34 -17.30
C ASP B 88 6.16 -25.81 -17.44
N ASP B 89 5.78 -25.16 -16.34
CA ASP B 89 5.71 -23.69 -16.29
C ASP B 89 7.04 -23.07 -16.77
N LEU B 90 8.13 -23.43 -16.11
CA LEU B 90 9.44 -22.87 -16.44
C LEU B 90 9.87 -23.15 -17.89
N ALA B 91 9.56 -24.36 -18.37
CA ALA B 91 9.86 -24.71 -19.76
C ALA B 91 9.05 -23.89 -20.75
N GLN B 92 7.81 -23.55 -20.39
CA GLN B 92 6.99 -22.69 -21.27
C GLN B 92 7.55 -21.28 -21.35
N LEU B 93 7.97 -20.74 -20.20
CA LEU B 93 8.61 -19.43 -20.20
C LEU B 93 9.93 -19.40 -21.00
N ARG B 94 10.73 -20.49 -20.90
CA ARG B 94 11.97 -20.63 -21.66
C ARG B 94 11.69 -20.56 -23.17
N ALA B 95 10.68 -21.32 -23.62
CA ALA B 95 10.22 -21.32 -25.02
C ALA B 95 9.67 -19.95 -25.49
N GLU B 96 9.26 -19.11 -24.54
CA GLU B 96 8.81 -17.75 -24.88
C GLU B 96 9.93 -16.72 -24.86
N GLY B 97 11.13 -17.15 -24.48
CA GLY B 97 12.26 -16.24 -24.35
C GLY B 97 12.16 -15.26 -23.18
N VAL B 98 11.44 -15.66 -22.13
CA VAL B 98 11.34 -14.91 -20.89
C VAL B 98 12.65 -15.06 -20.12
N GLU B 99 13.24 -13.94 -19.71
CA GLU B 99 14.54 -13.96 -18.99
C GLU B 99 14.47 -13.99 -17.47
N ILE B 100 13.33 -13.65 -16.88
CA ILE B 100 13.22 -13.72 -15.43
C ILE B 100 11.92 -14.39 -14.96
N ALA B 101 12.09 -15.41 -14.12
CA ALA B 101 10.97 -15.98 -13.37
C ALA B 101 11.18 -15.68 -11.90
N PHE B 102 10.14 -15.23 -11.23
CA PHE B 102 10.22 -14.98 -9.81
C PHE B 102 9.29 -15.97 -9.07
N THR B 103 9.89 -16.92 -8.34
CA THR B 103 9.16 -18.01 -7.70
C THR B 103 9.39 -17.99 -6.20
N PRO B 104 8.80 -16.99 -5.48
CA PRO B 104 9.10 -16.88 -4.04
C PRO B 104 8.30 -17.93 -3.25
N THR B 105 8.69 -18.22 -2.01
CA THR B 105 7.87 -19.06 -1.13
C THR B 105 6.80 -18.21 -0.39
N THR B 106 5.82 -18.87 0.22
CA THR B 106 4.84 -18.15 1.07
C THR B 106 5.57 -17.45 2.23
N ALA B 107 6.51 -18.17 2.85
CA ALA B 107 7.36 -17.63 3.92
C ALA B 107 8.15 -16.37 3.48
N ALA B 108 8.71 -16.39 2.27
CA ALA B 108 9.46 -15.25 1.73
C ALA B 108 8.52 -14.05 1.48
N MET B 109 7.30 -14.33 1.03
CA MET B 109 6.34 -13.28 0.74
C MET B 109 5.68 -12.69 1.99
N TYR B 110 5.40 -13.56 2.96
CA TYR B 110 4.74 -13.20 4.23
C TYR B 110 5.59 -13.52 5.47
N PRO B 111 6.85 -12.99 5.56
CA PRO B 111 7.82 -13.36 6.61
C PRO B 111 7.39 -13.00 8.02
N ASP B 112 6.55 -11.96 8.12
CA ASP B 112 5.97 -11.54 9.40
C ASP B 112 4.51 -11.96 9.43
N GLY B 113 4.14 -12.92 8.59
CA GLY B 113 2.76 -13.37 8.52
C GLY B 113 1.87 -12.29 7.94
N LEU B 114 0.57 -12.41 8.20
CA LEU B 114 -0.42 -11.43 7.68
C LEU B 114 -0.52 -10.28 8.66
N ARG B 115 -0.03 -9.14 8.24
CA ARG B 115 -0.03 -8.00 9.15
C ARG B 115 -0.64 -6.78 8.46
N THR B 116 0.18 -5.92 7.84
CA THR B 116 -0.35 -4.80 7.04
C THR B 116 -0.94 -5.37 5.74
N THR B 117 -2.14 -4.95 5.35
CA THR B 117 -2.71 -5.46 4.11
C THR B 117 -3.39 -4.28 3.38
N VAL B 118 -3.78 -4.50 2.11
CA VAL B 118 -4.54 -3.51 1.36
C VAL B 118 -6.05 -3.81 1.57
N GLN B 119 -6.81 -2.77 1.88
CA GLN B 119 -8.23 -2.83 1.94
C GLN B 119 -8.76 -2.23 0.60
N PRO B 120 -9.28 -3.09 -0.28
CA PRO B 120 -9.83 -2.58 -1.52
C PRO B 120 -11.07 -1.72 -1.24
N GLY B 121 -11.47 -0.91 -2.21
CA GLY B 121 -12.73 -0.21 -2.16
C GLY B 121 -13.97 -1.12 -2.25
N PRO B 122 -15.15 -0.50 -2.21
CA PRO B 122 -16.47 -1.14 -2.14
C PRO B 122 -16.78 -2.07 -3.34
N LEU B 123 -16.13 -1.86 -4.49
CA LEU B 123 -16.29 -2.74 -5.67
C LEU B 123 -15.87 -4.15 -5.32
N ALA B 124 -14.96 -4.29 -4.36
CA ALA B 124 -14.46 -5.61 -3.97
C ALA B 124 -15.51 -6.51 -3.26
N ALA B 125 -16.60 -5.94 -2.78
CA ALA B 125 -17.69 -6.68 -2.17
C ALA B 125 -18.77 -7.09 -3.19
N GLU B 126 -18.63 -6.66 -4.43
CA GLU B 126 -19.67 -6.89 -5.40
C GLU B 126 -19.23 -7.99 -6.33
N LEU B 127 -20.18 -8.51 -7.12
CA LEU B 127 -19.87 -9.51 -8.14
C LEU B 127 -19.05 -10.70 -7.55
N GLU B 128 -17.79 -10.90 -7.92
CA GLU B 128 -17.02 -12.04 -7.40
C GLU B 128 -16.78 -11.97 -5.91
N GLY B 129 -16.89 -10.77 -5.33
CA GLY B 129 -16.69 -10.55 -3.88
C GLY B 129 -17.93 -10.90 -3.06
N GLY B 130 -19.03 -11.21 -3.74
CA GLY B 130 -20.20 -11.86 -3.12
C GLY B 130 -19.84 -13.23 -2.51
N PRO B 131 -19.61 -14.25 -3.37
CA PRO B 131 -19.09 -15.50 -2.80
C PRO B 131 -17.82 -15.33 -1.94
N ARG B 132 -16.82 -14.60 -2.42
CA ARG B 132 -15.52 -14.51 -1.72
C ARG B 132 -15.17 -13.09 -1.28
N PRO B 133 -15.72 -12.63 -0.12
CA PRO B 133 -15.56 -11.24 0.34
C PRO B 133 -14.12 -10.75 0.67
N THR B 134 -13.18 -11.68 0.80
CA THR B 134 -11.78 -11.36 1.15
C THR B 134 -10.85 -11.61 -0.03
N HIS B 135 -11.39 -12.05 -1.15
CA HIS B 135 -10.53 -12.57 -2.20
C HIS B 135 -9.68 -11.40 -2.75
N PHE B 136 -10.36 -10.29 -2.99
CA PHE B 136 -9.68 -9.17 -3.68
C PHE B 136 -8.67 -8.44 -2.76
N ALA B 137 -8.92 -8.43 -1.46
CA ALA B 137 -7.92 -7.92 -0.50
C ALA B 137 -6.65 -8.75 -0.66
N GLY B 138 -6.81 -10.06 -0.77
CA GLY B 138 -5.67 -10.96 -0.98
C GLY B 138 -4.90 -10.68 -2.26
N VAL B 139 -5.64 -10.53 -3.36
CA VAL B 139 -5.02 -10.14 -4.63
C VAL B 139 -4.32 -8.76 -4.60
N LEU B 140 -4.97 -7.71 -4.12
CA LEU B 140 -4.36 -6.39 -4.18
C LEU B 140 -3.12 -6.32 -3.27
N THR B 141 -3.23 -6.99 -2.13
CA THR B 141 -2.05 -7.10 -1.23
C THR B 141 -0.87 -7.71 -1.94
N VAL B 142 -1.02 -8.87 -2.58
CA VAL B 142 0.13 -9.48 -3.24
C VAL B 142 0.59 -8.69 -4.46
N VAL B 143 -0.35 -8.12 -5.22
CA VAL B 143 0.04 -7.33 -6.39
C VAL B 143 0.86 -6.10 -5.98
N LEU B 144 0.48 -5.45 -4.88
CA LEU B 144 1.20 -4.28 -4.39
C LEU B 144 2.65 -4.67 -4.06
N LYS B 145 2.79 -5.77 -3.33
CA LYS B 145 4.06 -6.30 -2.91
C LYS B 145 4.94 -6.64 -4.14
N LEU B 146 4.34 -7.29 -5.13
CA LEU B 146 5.05 -7.63 -6.36
C LEU B 146 5.52 -6.40 -7.06
N LEU B 147 4.66 -5.38 -7.15
CA LEU B 147 5.01 -4.09 -7.77
C LEU B 147 6.18 -3.46 -7.04
N GLN B 148 6.12 -3.50 -5.71
CA GLN B 148 7.20 -2.89 -4.88
C GLN B 148 8.55 -3.65 -5.01
N ILE B 149 8.46 -4.98 -5.12
N ILE B 149 8.49 -4.97 -5.15
CA ILE B 149 9.65 -5.84 -5.29
CA ILE B 149 9.73 -5.74 -5.27
C ILE B 149 10.32 -5.60 -6.64
C ILE B 149 10.37 -5.66 -6.67
N VAL B 150 9.53 -5.71 -7.71
CA VAL B 150 10.03 -5.79 -9.07
C VAL B 150 10.18 -4.40 -9.65
N ARG B 151 9.33 -3.48 -9.20
CA ARG B 151 9.35 -2.12 -9.70
C ARG B 151 9.29 -2.09 -11.25
N PRO B 152 8.24 -2.70 -11.83
CA PRO B 152 8.20 -2.73 -13.30
C PRO B 152 7.74 -1.41 -13.91
N ASP B 153 8.12 -1.15 -15.15
CA ASP B 153 7.51 -0.06 -15.94
C ASP B 153 6.07 -0.34 -16.29
N ARG B 154 5.78 -1.59 -16.64
CA ARG B 154 4.41 -2.00 -16.99
C ARG B 154 4.08 -3.32 -16.35
N VAL B 155 2.83 -3.45 -15.89
CA VAL B 155 2.35 -4.74 -15.35
C VAL B 155 1.14 -5.23 -16.20
N PHE B 156 1.09 -6.53 -16.49
CA PHE B 156 0.18 -7.08 -17.48
C PHE B 156 -0.80 -8.02 -16.77
N PHE B 157 -2.09 -7.75 -16.97
CA PHE B 157 -3.15 -8.63 -16.48
C PHE B 157 -4.15 -8.91 -17.58
N GLY B 158 -4.78 -10.07 -17.50
CA GLY B 158 -5.83 -10.42 -18.44
C GLY B 158 -7.16 -9.72 -18.20
N GLU B 159 -7.91 -9.56 -19.27
CA GLU B 159 -9.29 -9.12 -19.19
C GLU B 159 -10.24 -10.21 -18.72
N LYS B 160 -9.76 -11.46 -18.63
CA LYS B 160 -10.55 -12.56 -18.14
C LYS B 160 -11.05 -12.26 -16.74
N ASP B 161 -10.13 -11.94 -15.84
CA ASP B 161 -10.59 -11.51 -14.52
C ASP B 161 -10.76 -9.99 -14.53
N TYR B 162 -11.84 -9.56 -15.18
CA TYR B 162 -12.07 -8.14 -15.42
C TYR B 162 -12.17 -7.34 -14.12
N GLN B 163 -12.95 -7.83 -13.16
CA GLN B 163 -13.18 -7.11 -11.91
C GLN B 163 -11.83 -6.94 -11.18
N GLN B 164 -11.03 -8.01 -11.16
CA GLN B 164 -9.65 -7.94 -10.65
C GLN B 164 -8.87 -6.82 -11.36
N LEU B 165 -8.85 -6.84 -12.70
CA LEU B 165 -8.10 -5.82 -13.45
C LEU B 165 -8.58 -4.39 -13.00
N VAL B 166 -9.87 -4.16 -12.87
CA VAL B 166 -10.40 -2.78 -12.51
C VAL B 166 -9.90 -2.43 -11.10
N LEU B 167 -9.89 -3.41 -10.21
CA LEU B 167 -9.51 -3.18 -8.82
C LEU B 167 -8.02 -2.85 -8.75
N ILE B 168 -7.21 -3.47 -9.64
CA ILE B 168 -5.75 -3.17 -9.73
C ILE B 168 -5.55 -1.78 -10.28
N ARG B 169 -6.37 -1.39 -11.25
CA ARG B 169 -6.35 0.01 -11.69
C ARG B 169 -6.71 1.01 -10.55
N GLN B 170 -7.65 0.65 -9.69
CA GLN B 170 -7.95 1.46 -8.52
C GLN B 170 -6.79 1.54 -7.54
N LEU B 171 -6.17 0.40 -7.26
CA LEU B 171 -4.96 0.32 -6.41
C LEU B 171 -3.92 1.34 -6.90
N VAL B 172 -3.62 1.24 -8.20
CA VAL B 172 -2.61 2.05 -8.84
C VAL B 172 -2.91 3.55 -8.74
N ALA B 173 -4.14 3.97 -9.08
CA ALA B 173 -4.52 5.38 -8.99
C ALA B 173 -4.44 5.80 -7.53
N ASP B 174 -4.95 4.94 -6.64
CA ASP B 174 -5.31 5.38 -5.30
C ASP B 174 -4.05 5.48 -4.42
N PHE B 175 -3.02 4.66 -4.72
CA PHE B 175 -1.76 4.65 -4.01
C PHE B 175 -0.65 5.38 -4.76
N ASN B 176 -1.00 6.03 -5.88
CA ASN B 176 -0.06 6.82 -6.70
C ASN B 176 1.10 5.99 -7.21
N LEU B 177 0.80 4.74 -7.58
CA LEU B 177 1.84 3.85 -8.09
C LEU B 177 2.37 4.29 -9.45
N ASP B 178 3.69 4.25 -9.60
CA ASP B 178 4.34 4.65 -10.83
C ASP B 178 4.50 3.46 -11.78
N VAL B 179 3.38 2.88 -12.20
CA VAL B 179 3.38 1.77 -13.14
C VAL B 179 2.16 1.90 -14.07
N ALA B 180 2.33 1.50 -15.33
CA ALA B 180 1.24 1.43 -16.31
C ALA B 180 0.60 0.04 -16.21
N VAL B 181 -0.71 -0.01 -16.00
CA VAL B 181 -1.44 -1.29 -15.99
C VAL B 181 -1.92 -1.59 -17.40
N VAL B 182 -1.53 -2.76 -17.93
CA VAL B 182 -1.92 -3.14 -19.29
C VAL B 182 -2.87 -4.32 -19.24
N GLY B 183 -4.07 -4.09 -19.76
CA GLY B 183 -5.12 -5.11 -19.85
C GLY B 183 -4.98 -5.88 -21.17
N VAL B 184 -4.98 -7.21 -21.11
CA VAL B 184 -4.81 -8.01 -22.33
C VAL B 184 -6.10 -8.82 -22.62
N PRO B 185 -6.63 -8.71 -23.85
CA PRO B 185 -7.91 -9.37 -24.14
C PRO B 185 -7.88 -10.89 -23.90
N THR B 186 -9.06 -11.41 -23.48
CA THR B 186 -9.20 -12.85 -23.17
C THR B 186 -8.84 -13.76 -24.38
N VAL B 187 -7.97 -14.76 -24.17
CA VAL B 187 -7.69 -15.75 -25.18
C VAL B 187 -8.83 -16.79 -25.00
N ARG B 188 -9.32 -17.38 -26.10
CA ARG B 188 -10.50 -18.25 -26.07
C ARG B 188 -10.27 -19.54 -26.81
N GLU B 189 -11.02 -20.56 -26.42
N GLU B 189 -11.01 -20.56 -26.41
CA GLU B 189 -11.03 -21.84 -27.10
CA GLU B 189 -10.99 -21.86 -27.07
C GLU B 189 -11.67 -21.63 -28.45
C GLU B 189 -11.75 -21.68 -28.39
N ALA B 190 -11.67 -22.68 -29.27
CA ALA B 190 -12.14 -22.56 -30.65
C ALA B 190 -13.62 -22.14 -30.77
N ASP B 191 -14.42 -22.57 -29.79
CA ASP B 191 -15.84 -22.26 -29.74
C ASP B 191 -16.17 -20.99 -28.97
N GLY B 192 -15.15 -20.32 -28.45
CA GLY B 192 -15.35 -19.06 -27.75
C GLY B 192 -15.17 -19.12 -26.22
N LEU B 193 -15.13 -20.32 -25.63
CA LEU B 193 -15.01 -20.46 -24.18
C LEU B 193 -13.73 -19.81 -23.69
N ALA B 194 -13.87 -18.92 -22.70
CA ALA B 194 -12.71 -18.16 -22.23
C ALA B 194 -11.72 -19.16 -21.63
N MET B 195 -10.42 -19.06 -21.96
CA MET B 195 -9.48 -20.06 -21.40
C MET B 195 -9.37 -19.97 -19.87
N SER B 196 -9.10 -21.13 -19.26
CA SER B 196 -8.98 -21.20 -17.84
C SER B 196 -8.58 -22.60 -17.45
N SER B 197 -7.69 -22.67 -16.46
CA SER B 197 -7.26 -23.96 -15.94
C SER B 197 -8.44 -24.74 -15.42
N ARG B 198 -9.56 -24.07 -15.13
CA ARG B 198 -10.79 -24.77 -14.63
C ARG B 198 -11.55 -25.59 -15.69
N ASN B 199 -11.32 -25.28 -16.95
CA ASN B 199 -12.14 -25.84 -18.04
C ASN B 199 -12.03 -27.39 -18.15
N ARG B 200 -10.86 -27.94 -17.78
CA ARG B 200 -10.60 -29.38 -17.91
C ARG B 200 -11.45 -30.15 -16.93
N TYR B 201 -11.95 -29.48 -15.91
CA TYR B 201 -12.84 -30.11 -14.92
C TYR B 201 -14.25 -30.39 -15.38
N LEU B 202 -14.68 -29.73 -16.45
CA LEU B 202 -16.04 -29.91 -17.00
C LEU B 202 -16.20 -31.27 -17.71
N ASP B 203 -17.25 -32.00 -17.38
CA ASP B 203 -17.56 -33.23 -18.12
C ASP B 203 -18.11 -32.81 -19.51
N PRO B 204 -18.22 -33.76 -20.46
CA PRO B 204 -18.62 -33.34 -21.81
C PRO B 204 -19.96 -32.55 -21.89
N ALA B 205 -20.96 -32.98 -21.11
CA ALA B 205 -22.24 -32.30 -21.05
C ALA B 205 -22.04 -30.84 -20.59
N GLN B 206 -21.23 -30.66 -19.55
CA GLN B 206 -20.95 -29.35 -19.01
C GLN B 206 -20.12 -28.51 -19.96
N ARG B 207 -19.16 -29.16 -20.62
CA ARG B 207 -18.25 -28.47 -21.54
C ARG B 207 -19.03 -27.94 -22.74
N ALA B 208 -20.01 -28.73 -23.20
CA ALA B 208 -20.89 -28.28 -24.30
C ALA B 208 -21.80 -27.14 -23.80
N ALA B 209 -22.33 -27.23 -22.59
CA ALA B 209 -23.21 -26.15 -22.08
C ALA B 209 -22.43 -24.85 -21.79
N ALA B 210 -21.14 -25.01 -21.44
CA ALA B 210 -20.25 -23.89 -21.06
C ALA B 210 -20.07 -22.85 -22.17
N VAL B 211 -20.25 -23.26 -23.43
N VAL B 211 -20.25 -23.27 -23.43
CA VAL B 211 -20.18 -22.33 -24.57
CA VAL B 211 -20.22 -22.33 -24.58
C VAL B 211 -21.28 -21.23 -24.51
C VAL B 211 -21.21 -21.17 -24.38
N ALA B 212 -22.35 -21.46 -23.73
CA ALA B 212 -23.42 -20.45 -23.51
C ALA B 212 -22.93 -19.12 -22.87
N LEU B 213 -21.87 -19.16 -22.04
CA LEU B 213 -21.40 -17.90 -21.44
C LEU B 213 -20.87 -16.93 -22.52
N SER B 214 -19.96 -17.41 -23.37
CA SER B 214 -19.42 -16.57 -24.43
C SER B 214 -20.44 -16.20 -25.48
N ALA B 215 -21.30 -17.15 -25.82
CA ALA B 215 -22.35 -16.98 -26.82
C ALA B 215 -23.30 -15.92 -26.34
N ALA B 216 -23.66 -15.95 -25.05
CA ALA B 216 -24.56 -14.99 -24.45
C ALA B 216 -23.99 -13.61 -24.53
N LEU B 217 -22.68 -13.48 -24.20
CA LEU B 217 -21.97 -12.19 -24.24
C LEU B 217 -21.82 -11.63 -25.65
N THR B 218 -21.35 -12.45 -26.60
CA THR B 218 -21.27 -12.00 -28.00
C THR B 218 -22.66 -11.64 -28.58
N ALA B 219 -23.69 -12.44 -28.27
CA ALA B 219 -25.07 -12.08 -28.70
C ALA B 219 -25.37 -10.68 -28.18
N ALA B 220 -25.09 -10.47 -26.89
CA ALA B 220 -25.43 -9.23 -26.19
C ALA B 220 -24.71 -8.02 -26.81
N ALA B 221 -23.45 -8.20 -27.15
CA ALA B 221 -22.65 -7.15 -27.73
C ALA B 221 -23.27 -6.71 -29.07
N HIS B 222 -23.85 -7.67 -29.81
CA HIS B 222 -24.42 -7.37 -31.13
C HIS B 222 -25.85 -6.88 -31.03
N ALA B 223 -26.58 -7.37 -30.02
CA ALA B 223 -27.95 -6.90 -29.75
C ALA B 223 -27.99 -5.44 -29.29
N ALA B 224 -26.84 -4.95 -28.83
CA ALA B 224 -26.73 -3.68 -28.07
C ALA B 224 -27.09 -2.42 -28.90
N THR B 225 -27.04 -2.52 -30.23
CA THR B 225 -27.55 -1.48 -31.13
C THR B 225 -29.04 -1.19 -30.85
N ALA B 226 -29.77 -2.19 -30.31
CA ALA B 226 -31.16 -2.00 -29.87
C ALA B 226 -31.24 -1.53 -28.40
N GLY B 227 -30.08 -1.34 -27.76
CA GLY B 227 -29.98 -0.74 -26.42
C GLY B 227 -29.62 -1.75 -25.33
N ALA B 228 -29.50 -1.25 -24.10
CA ALA B 228 -29.12 -2.07 -22.93
C ALA B 228 -30.08 -3.18 -22.60
N GLN B 229 -31.37 -2.92 -22.65
CA GLN B 229 -32.32 -3.97 -22.27
C GLN B 229 -32.33 -5.10 -23.30
N ALA B 230 -32.22 -4.76 -24.60
CA ALA B 230 -32.10 -5.81 -25.65
C ALA B 230 -30.89 -6.70 -25.41
N ALA B 231 -29.75 -6.08 -25.07
CA ALA B 231 -28.51 -6.79 -24.85
C ALA B 231 -28.68 -7.74 -23.68
N LEU B 232 -29.19 -7.23 -22.57
CA LEU B 232 -29.39 -8.14 -21.40
C LEU B 232 -30.32 -9.29 -21.70
N ASP B 233 -31.41 -9.02 -22.43
CA ASP B 233 -32.45 -10.01 -22.68
C ASP B 233 -31.91 -11.06 -23.63
N ALA B 234 -31.18 -10.62 -24.67
CA ALA B 234 -30.42 -11.52 -25.56
C ALA B 234 -29.49 -12.48 -24.79
N ALA B 235 -28.62 -11.94 -23.92
CA ALA B 235 -27.72 -12.73 -23.11
C ALA B 235 -28.48 -13.73 -22.25
N ARG B 236 -29.54 -13.26 -21.59
CA ARG B 236 -30.35 -14.14 -20.73
C ARG B 236 -30.95 -15.31 -21.51
N ALA B 237 -31.42 -15.01 -22.71
CA ALA B 237 -31.96 -16.02 -23.64
C ALA B 237 -30.98 -17.15 -23.94
N VAL B 238 -29.73 -16.80 -24.28
CA VAL B 238 -28.74 -17.80 -24.57
C VAL B 238 -28.41 -18.67 -23.34
N LEU B 239 -28.24 -18.05 -22.17
CA LEU B 239 -28.00 -18.81 -20.94
C LEU B 239 -29.21 -19.70 -20.64
N ASP B 240 -30.43 -19.17 -20.80
CA ASP B 240 -31.69 -19.97 -20.64
C ASP B 240 -31.82 -21.22 -21.54
N ALA B 241 -31.12 -21.24 -22.67
CA ALA B 241 -31.06 -22.38 -23.59
C ALA B 241 -30.08 -23.46 -23.11
N ALA B 242 -29.29 -23.21 -22.04
CA ALA B 242 -28.27 -24.16 -21.58
C ALA B 242 -28.72 -24.92 -20.32
N PRO B 243 -28.54 -26.26 -20.33
CA PRO B 243 -28.85 -26.97 -19.10
C PRO B 243 -27.62 -26.98 -18.12
N GLY B 244 -27.92 -26.99 -16.83
CA GLY B 244 -26.89 -27.21 -15.80
C GLY B 244 -25.93 -26.05 -15.65
N VAL B 245 -26.40 -24.86 -15.98
CA VAL B 245 -25.62 -23.64 -15.91
C VAL B 245 -26.36 -22.74 -14.94
N ALA B 246 -25.90 -22.72 -13.70
CA ALA B 246 -26.49 -21.92 -12.63
C ALA B 246 -25.90 -20.51 -12.65
N VAL B 247 -26.65 -19.55 -13.15
CA VAL B 247 -26.13 -18.21 -13.27
C VAL B 247 -26.05 -17.52 -11.91
N ASP B 248 -24.84 -17.14 -11.52
CA ASP B 248 -24.71 -16.40 -10.25
C ASP B 248 -25.01 -14.91 -10.48
N TYR B 249 -24.50 -14.33 -11.55
CA TYR B 249 -24.89 -12.98 -11.91
C TYR B 249 -24.72 -12.78 -13.41
N LEU B 250 -25.50 -11.85 -13.95
CA LEU B 250 -25.27 -11.29 -15.28
C LEU B 250 -25.53 -9.77 -15.16
N GLU B 251 -24.47 -9.00 -15.31
CA GLU B 251 -24.56 -7.55 -15.04
C GLU B 251 -23.88 -6.69 -16.07
N LEU B 252 -24.58 -5.65 -16.48
CA LEU B 252 -24.01 -4.66 -17.36
C LEU B 252 -23.63 -3.48 -16.50
N ARG B 253 -22.35 -3.11 -16.56
CA ARG B 253 -21.82 -2.01 -15.76
C ARG B 253 -21.09 -1.03 -16.67
N ASP B 254 -20.63 0.10 -16.16
CA ASP B 254 -19.75 0.95 -17.01
C ASP B 254 -18.38 0.30 -17.05
N ILE B 255 -17.43 0.84 -17.81
CA ILE B 255 -16.15 0.12 -17.94
C ILE B 255 -15.32 0.08 -16.64
N GLY B 256 -15.63 0.98 -15.69
CA GLY B 256 -14.97 1.01 -14.37
C GLY B 256 -15.78 0.24 -13.34
N LEU B 257 -16.85 -0.39 -13.81
CA LEU B 257 -17.72 -1.22 -13.02
C LEU B 257 -18.65 -0.44 -12.09
N GLY B 258 -18.82 0.84 -12.35
CA GLY B 258 -19.95 1.54 -11.75
C GLY B 258 -21.25 1.34 -12.52
N PRO B 259 -22.29 2.13 -12.21
CA PRO B 259 -23.56 1.98 -12.91
C PRO B 259 -23.41 2.19 -14.42
N MET B 260 -24.19 1.44 -15.18
CA MET B 260 -24.23 1.63 -16.61
C MET B 260 -24.88 2.96 -16.95
N PRO B 261 -24.16 3.82 -17.72
CA PRO B 261 -24.77 5.09 -18.15
C PRO B 261 -25.78 4.85 -19.28
N LEU B 262 -26.64 5.85 -19.52
CA LEU B 262 -27.70 5.82 -20.57
C LEU B 262 -27.29 5.18 -21.92
N ASN B 263 -26.13 5.61 -22.45
CA ASN B 263 -25.49 4.99 -23.61
C ASN B 263 -24.00 5.11 -23.37
N GLY B 264 -23.18 4.68 -24.34
CA GLY B 264 -21.72 4.72 -24.14
C GLY B 264 -21.11 3.34 -23.92
N SER B 265 -19.83 3.31 -23.55
CA SER B 265 -19.14 2.04 -23.35
C SER B 265 -19.55 1.41 -22.05
N GLY B 266 -19.66 0.09 -22.04
CA GLY B 266 -19.75 -0.61 -20.80
C GLY B 266 -19.13 -1.96 -20.85
N ARG B 267 -19.48 -2.77 -19.86
CA ARG B 267 -18.96 -4.13 -19.79
C ARG B 267 -20.05 -5.00 -19.28
N LEU B 268 -20.24 -6.15 -19.94
CA LEU B 268 -21.18 -7.13 -19.49
C LEU B 268 -20.42 -8.30 -18.89
N LEU B 269 -20.77 -8.62 -17.64
CA LEU B 269 -20.17 -9.71 -16.87
C LEU B 269 -21.14 -10.80 -16.45
N VAL B 270 -20.65 -12.03 -16.52
CA VAL B 270 -21.42 -13.20 -16.14
C VAL B 270 -20.51 -14.17 -15.37
N ALA B 271 -21.12 -14.84 -14.40
CA ALA B 271 -20.56 -15.97 -13.65
C ALA B 271 -21.59 -17.07 -13.48
N ALA B 272 -21.17 -18.32 -13.59
CA ALA B 272 -22.06 -19.41 -13.50
C ALA B 272 -21.36 -20.63 -12.96
N ARG B 273 -22.12 -21.42 -12.25
CA ARG B 273 -21.63 -22.70 -11.72
C ARG B 273 -22.15 -23.83 -12.55
N LEU B 274 -21.24 -24.69 -13.03
CA LEU B 274 -21.58 -25.92 -13.75
C LEU B 274 -21.06 -27.04 -12.89
N GLY B 275 -21.98 -27.69 -12.17
CA GLY B 275 -21.54 -28.68 -11.17
C GLY B 275 -20.80 -27.92 -10.08
N THR B 276 -19.52 -28.24 -9.88
CA THR B 276 -18.71 -27.62 -8.83
C THR B 276 -17.79 -26.55 -9.42
N THR B 277 -17.84 -26.40 -10.74
CA THR B 277 -16.93 -25.54 -11.47
C THR B 277 -17.56 -24.15 -11.71
N ARG B 278 -16.96 -23.10 -11.16
CA ARG B 278 -17.36 -21.71 -11.43
C ARG B 278 -16.61 -21.16 -12.61
N LEU B 279 -17.37 -20.70 -13.58
CA LEU B 279 -16.81 -20.10 -14.79
C LEU B 279 -17.23 -18.61 -14.83
N LEU B 280 -16.37 -17.75 -15.35
CA LEU B 280 -16.69 -16.30 -15.55
C LEU B 280 -16.37 -15.93 -17.00
N ASP B 281 -17.01 -14.88 -17.47
CA ASP B 281 -16.66 -14.30 -18.75
C ASP B 281 -17.17 -12.87 -18.70
N ASN B 282 -16.64 -12.07 -19.60
CA ASN B 282 -17.05 -10.65 -19.75
C ASN B 282 -16.72 -10.14 -21.14
N ILE B 283 -17.43 -9.08 -21.56
CA ILE B 283 -17.18 -8.50 -22.87
C ILE B 283 -17.42 -7.00 -22.90
N ALA B 284 -16.72 -6.30 -23.79
CA ALA B 284 -17.00 -4.86 -24.06
C ALA B 284 -18.38 -4.77 -24.69
N ILE B 285 -19.21 -3.82 -24.23
CA ILE B 285 -20.52 -3.50 -24.79
C ILE B 285 -20.57 -1.99 -25.14
N GLU B 286 -21.06 -1.66 -26.34
CA GLU B 286 -21.29 -0.23 -26.69
C GLU B 286 -22.80 -0.05 -26.82
N ILE B 287 -23.42 0.76 -25.97
CA ILE B 287 -24.90 0.83 -25.98
C ILE B 287 -25.44 1.82 -27.03
N GLY B 288 -26.17 1.27 -28.00
CA GLY B 288 -26.75 2.02 -29.11
C GLY B 288 -25.75 2.32 -30.21
#